data_6ST1
#
_entry.id   6ST1
#
_cell.length_a   45.220
_cell.length_b   73.020
_cell.length_c   163.900
_cell.angle_alpha   90.00
_cell.angle_beta   90.00
_cell.angle_gamma   90.00
#
_symmetry.space_group_name_H-M   'P 21 21 21'
#
loop_
_entity.id
_entity.type
_entity.pdbx_description
1 polymer 'Taurine-binding periplasmic protein'
2 non-polymer '2-(N-MORPHOLINO)-ETHANESULFONIC ACID'
3 non-polymer 'IODIDE ION'
4 non-polymer GLYCEROL
5 water water
#
_entity_poly.entity_id   1
_entity_poly.type   'polypeptide(L)'
_entity_poly.pdbx_seq_one_letter_code
;MVNVTVAYQTSAEPAKVAQADNTFAKESGATVDWRKFDSGASIVRALASGDVQIGNLGSSPLAVAASQQVPIEVFLLASK
LGNSEALVVKKTISKPEDLIGKRIAVPFISTTHYSLLAALKHWGIKPGQVEIVNLQPPAIIAAWQRGDIDGAYVWAPAVN
ALEKDGKVLTDSEQVGQWGAPTLDVWVVRKDFAEKHPEVVKAFAKSAIDAQQPYIANPDVWLKQPENISKLARLSGVPEG
DVPGLVKGNTYLTPQQQTAELTGPVNKAIIDTAQFLKEQGKVPAVANDYSQYVTSRFV
;
_entity_poly.pdbx_strand_id   A,B
#
loop_
_chem_comp.id
_chem_comp.type
_chem_comp.name
_chem_comp.formula
GOL non-polymer GLYCEROL 'C3 H8 O3'
IOD non-polymer 'IODIDE ION' 'I -1'
MES non-polymer '2-(N-MORPHOLINO)-ETHANESULFONIC ACID' 'C6 H13 N O4 S'
#
# COMPACT_ATOMS: atom_id res chain seq x y z
N MET A 1 20.43 -1.41 -3.03
CA MET A 1 19.45 -2.44 -3.37
C MET A 1 19.17 -3.39 -2.21
N VAL A 2 17.90 -3.45 -1.82
CA VAL A 2 17.42 -4.29 -0.73
C VAL A 2 16.67 -5.47 -1.34
N ASN A 3 17.01 -6.68 -0.91
CA ASN A 3 16.24 -7.89 -1.22
C ASN A 3 15.55 -8.34 0.06
N VAL A 4 14.28 -8.73 -0.07
CA VAL A 4 13.53 -9.22 1.08
C VAL A 4 12.66 -10.39 0.62
N THR A 5 12.60 -11.44 1.43
CA THR A 5 11.74 -12.59 1.18
C THR A 5 10.57 -12.52 2.15
N VAL A 6 9.36 -12.51 1.61
CA VAL A 6 8.12 -12.41 2.38
C VAL A 6 7.39 -13.74 2.28
N ALA A 7 7.15 -14.39 3.42
CA ALA A 7 6.37 -15.63 3.44
C ALA A 7 4.89 -15.29 3.59
N TYR A 8 4.10 -15.64 2.59
CA TYR A 8 2.68 -15.37 2.62
C TYR A 8 1.91 -16.68 2.60
N GLN A 9 0.62 -16.58 2.93
CA GLN A 9 -0.27 -17.72 3.04
C GLN A 9 -1.54 -17.45 2.23
N THR A 10 -2.41 -18.46 2.11
CA THR A 10 -3.47 -18.46 1.11
C THR A 10 -4.78 -17.86 1.60
N SER A 11 -4.73 -16.90 2.51
CA SER A 11 -5.94 -16.21 2.92
C SER A 11 -6.48 -15.33 1.80
N ALA A 12 -7.80 -15.28 1.65
CA ALA A 12 -8.44 -14.33 0.76
C ALA A 12 -8.88 -13.16 1.63
N GLU A 13 -8.01 -12.16 1.78
CA GLU A 13 -8.28 -11.01 2.62
C GLU A 13 -7.83 -9.75 1.89
N PRO A 14 -8.39 -8.58 2.24
CA PRO A 14 -8.26 -7.40 1.37
C PRO A 14 -6.85 -6.98 1.07
N ALA A 15 -5.90 -7.16 1.99
CA ALA A 15 -4.52 -6.80 1.71
C ALA A 15 -3.90 -7.61 0.58
N LYS A 16 -4.55 -8.69 0.12
CA LYS A 16 -4.04 -9.36 -1.06
C LYS A 16 -4.07 -8.45 -2.29
N VAL A 17 -4.91 -7.40 -2.29
CA VAL A 17 -4.91 -6.51 -3.45
C VAL A 17 -3.57 -5.78 -3.55
N ALA A 18 -2.99 -5.41 -2.41
CA ALA A 18 -1.66 -4.79 -2.43
C ALA A 18 -0.60 -5.76 -2.91
N GLN A 19 -0.69 -7.03 -2.52
CA GLN A 19 0.26 -8.02 -3.01
C GLN A 19 0.17 -8.15 -4.52
N ALA A 20 -1.05 -8.34 -5.05
CA ALA A 20 -1.26 -8.45 -6.47
C ALA A 20 -0.78 -7.21 -7.21
N ASP A 21 -0.99 -6.03 -6.63
CA ASP A 21 -0.58 -4.76 -7.22
C ASP A 21 0.92 -4.48 -7.09
N ASN A 22 1.66 -5.31 -6.36
CA ASN A 22 3.10 -5.11 -6.10
C ASN A 22 3.37 -3.78 -5.39
N THR A 23 2.44 -3.31 -4.56
CA THR A 23 2.56 -1.98 -3.97
C THR A 23 3.75 -1.89 -3.02
N PHE A 24 3.97 -2.93 -2.21
CA PHE A 24 5.07 -2.89 -1.26
C PHE A 24 6.43 -2.75 -1.96
N ALA A 25 6.65 -3.55 -3.01
CA ALA A 25 7.88 -3.42 -3.79
C ALA A 25 8.01 -2.03 -4.40
N LYS A 26 6.92 -1.55 -5.00
CA LYS A 26 6.97 -0.26 -5.67
C LYS A 26 7.25 0.87 -4.69
N GLU A 27 6.66 0.81 -3.48
CA GLU A 27 6.79 1.94 -2.55
C GLU A 27 8.08 1.86 -1.74
N SER A 28 8.52 0.65 -1.41
CA SER A 28 9.76 0.49 -0.66
C SER A 28 10.99 0.59 -1.55
N GLY A 29 10.86 0.30 -2.84
CA GLY A 29 12.02 0.20 -3.70
C GLY A 29 12.77 -1.11 -3.59
N ALA A 30 12.32 -2.04 -2.75
CA ALA A 30 13.00 -3.30 -2.56
C ALA A 30 12.60 -4.32 -3.63
N THR A 31 13.47 -5.30 -3.84
CA THR A 31 13.12 -6.46 -4.65
C THR A 31 12.48 -7.49 -3.73
N VAL A 32 11.22 -7.85 -3.98
CA VAL A 32 10.43 -8.64 -3.05
C VAL A 32 10.17 -10.02 -3.64
N ASP A 33 10.67 -11.05 -2.97
CA ASP A 33 10.40 -12.44 -3.33
C ASP A 33 9.24 -12.90 -2.45
N TRP A 34 8.04 -12.94 -3.04
CA TRP A 34 6.85 -13.43 -2.36
C TRP A 34 6.84 -14.95 -2.46
N ARG A 35 7.00 -15.64 -1.33
CA ARG A 35 7.08 -17.10 -1.31
C ARG A 35 5.86 -17.65 -0.56
N LYS A 36 5.10 -18.50 -1.23
CA LYS A 36 3.91 -19.11 -0.63
C LYS A 36 4.31 -20.26 0.28
N PHE A 37 3.76 -20.27 1.50
CA PHE A 37 3.96 -21.36 2.43
C PHE A 37 2.62 -22.00 2.76
N ASP A 38 2.64 -23.31 3.01
CA ASP A 38 1.39 -24.04 3.18
C ASP A 38 0.78 -23.82 4.56
N SER A 39 1.60 -23.55 5.58
CA SER A 39 1.11 -23.20 6.90
C SER A 39 2.24 -22.56 7.71
N GLY A 40 1.91 -22.16 8.94
CA GLY A 40 2.82 -21.33 9.72
C GLY A 40 4.04 -22.02 10.32
N ALA A 41 3.96 -23.33 10.57
CA ALA A 41 5.10 -24.01 11.19
C ALA A 41 6.35 -23.91 10.33
N SER A 42 6.22 -24.10 9.02
CA SER A 42 7.38 -23.99 8.13
C SER A 42 7.84 -22.54 8.00
N ILE A 43 6.94 -21.58 8.20
CA ILE A 43 7.37 -20.19 8.17
C ILE A 43 8.23 -19.86 9.39
N VAL A 44 7.88 -20.40 10.56
CA VAL A 44 8.71 -20.19 11.74
C VAL A 44 10.12 -20.70 11.50
N ARG A 45 10.23 -21.89 10.91
CA ARG A 45 11.55 -22.46 10.66
C ARG A 45 12.34 -21.60 9.66
N ALA A 46 11.67 -21.09 8.63
CA ALA A 46 12.34 -20.20 7.67
C ALA A 46 12.71 -18.87 8.30
N LEU A 47 11.87 -18.34 9.19
CA LEU A 47 12.23 -17.14 9.92
C LEU A 47 13.48 -17.38 10.76
N ALA A 48 13.51 -18.51 11.48
CA ALA A 48 14.61 -18.78 12.39
C ALA A 48 15.92 -18.97 11.64
N SER A 49 15.89 -19.62 10.48
CA SER A 49 17.09 -19.86 9.70
C SER A 49 17.52 -18.65 8.90
N GLY A 50 16.68 -17.61 8.81
CA GLY A 50 17.02 -16.42 8.05
C GLY A 50 16.61 -16.46 6.60
N ASP A 51 15.94 -17.53 6.16
CA ASP A 51 15.52 -17.61 4.76
C ASP A 51 14.34 -16.69 4.45
N VAL A 52 13.59 -16.29 5.46
CA VAL A 52 12.47 -15.38 5.33
C VAL A 52 12.68 -14.26 6.32
N GLN A 53 12.40 -13.02 5.91
CA GLN A 53 12.55 -11.87 6.83
C GLN A 53 11.24 -11.29 7.32
N ILE A 54 10.18 -11.36 6.52
CA ILE A 54 8.85 -10.96 6.92
C ILE A 54 7.92 -12.13 6.65
N GLY A 55 7.09 -12.48 7.61
CA GLY A 55 6.21 -13.64 7.45
C GLY A 55 4.85 -13.45 8.08
N ASN A 56 3.86 -14.08 7.45
CA ASN A 56 2.49 -14.11 7.96
C ASN A 56 2.35 -15.37 8.81
N LEU A 57 2.16 -15.19 10.12
CA LEU A 57 1.97 -16.29 11.07
C LEU A 57 0.61 -16.19 11.73
N GLY A 58 -0.06 -17.33 11.89
CA GLY A 58 -1.16 -17.41 12.82
C GLY A 58 -0.69 -17.23 14.25
N SER A 59 -1.64 -16.94 15.14
CA SER A 59 -1.28 -16.69 16.54
C SER A 59 -0.69 -17.94 17.19
N SER A 60 -1.11 -19.14 16.76
CA SER A 60 -0.54 -20.35 17.37
C SER A 60 0.90 -20.58 16.95
N PRO A 61 1.27 -20.58 15.66
CA PRO A 61 2.71 -20.61 15.33
C PRO A 61 3.49 -19.47 15.94
N LEU A 62 2.89 -18.29 16.05
CA LEU A 62 3.57 -17.17 16.70
C LEU A 62 3.95 -17.53 18.12
N ALA A 63 3.00 -18.09 18.89
CA ALA A 63 3.26 -18.43 20.28
C ALA A 63 4.37 -19.47 20.38
N VAL A 64 4.35 -20.47 19.50
CA VAL A 64 5.42 -21.46 19.47
C VAL A 64 6.76 -20.79 19.20
N ALA A 65 6.81 -19.92 18.18
CA ALA A 65 8.05 -19.23 17.84
C ALA A 65 8.55 -18.39 19.01
N ALA A 66 7.64 -17.66 19.66
CA ALA A 66 8.06 -16.79 20.76
C ALA A 66 8.54 -17.60 21.95
N SER A 67 7.94 -18.77 22.18
CA SER A 67 8.38 -19.62 23.28
CA SER A 67 8.40 -19.58 23.29
C SER A 67 9.76 -20.20 23.01
N GLN A 68 10.11 -20.37 21.74
CA GLN A 68 11.44 -20.83 21.32
C GLN A 68 12.43 -19.67 21.18
N GLN A 69 12.02 -18.45 21.54
CA GLN A 69 12.87 -17.26 21.54
C GLN A 69 13.42 -16.95 20.15
N VAL A 70 12.63 -17.24 19.12
CA VAL A 70 12.98 -16.81 17.76
C VAL A 70 12.96 -15.30 17.70
N PRO A 71 14.01 -14.64 17.18
CA PRO A 71 14.04 -13.16 17.25
C PRO A 71 13.20 -12.48 16.18
N ILE A 72 11.88 -12.50 16.41
CA ILE A 72 10.90 -11.88 15.52
C ILE A 72 9.94 -11.05 16.36
N GLU A 73 9.31 -10.08 15.72
CA GLU A 73 8.30 -9.24 16.37
C GLU A 73 7.06 -9.13 15.49
N VAL A 74 5.89 -9.24 16.10
CA VAL A 74 4.66 -8.82 15.43
C VAL A 74 4.73 -7.31 15.24
N PHE A 75 4.56 -6.86 13.99
CA PHE A 75 4.57 -5.43 13.71
C PHE A 75 3.28 -4.95 13.04
N LEU A 76 2.38 -5.86 12.69
CA LEU A 76 0.99 -5.48 12.47
C LEU A 76 0.12 -6.72 12.45
N LEU A 77 -1.16 -6.51 12.60
CA LEU A 77 -2.14 -7.58 12.51
C LEU A 77 -2.66 -7.68 11.09
N ALA A 78 -2.79 -8.91 10.60
CA ALA A 78 -3.48 -9.16 9.33
C ALA A 78 -4.99 -9.18 9.53
N SER A 79 -5.46 -9.91 10.54
CA SER A 79 -6.90 -10.03 10.75
C SER A 79 -7.17 -10.72 12.09
N LYS A 80 -8.41 -10.57 12.55
CA LYS A 80 -8.96 -11.36 13.64
C LYS A 80 -9.81 -12.47 13.02
N LEU A 81 -9.43 -13.71 13.23
CA LEU A 81 -9.99 -14.81 12.46
C LEU A 81 -11.38 -15.20 12.94
N GLY A 82 -12.31 -15.35 11.99
CA GLY A 82 -13.67 -15.75 12.29
C GLY A 82 -14.03 -17.00 11.51
N ASN A 83 -15.21 -17.04 10.88
CA ASN A 83 -15.58 -18.29 10.21
C ASN A 83 -14.93 -18.46 8.85
N SER A 84 -13.88 -17.69 8.53
CA SER A 84 -13.07 -17.97 7.35
C SER A 84 -12.36 -19.32 7.46
N GLU A 85 -12.12 -19.81 8.67
CA GLU A 85 -11.60 -21.16 8.83
C GLU A 85 -12.54 -21.99 9.69
N ALA A 86 -12.69 -23.25 9.33
CA ALA A 86 -13.76 -24.05 9.92
C ALA A 86 -13.33 -25.50 9.99
N LEU A 87 -13.98 -26.23 10.89
CA LEU A 87 -13.93 -27.68 10.94
C LEU A 87 -15.00 -28.25 10.00
N VAL A 88 -14.56 -28.91 8.92
CA VAL A 88 -15.43 -29.48 7.90
C VAL A 88 -15.31 -31.00 7.98
N VAL A 89 -16.44 -31.70 8.04
CA VAL A 89 -16.46 -33.13 8.30
C VAL A 89 -17.36 -33.83 7.30
N LYS A 90 -17.13 -35.13 7.11
CA LYS A 90 -18.05 -35.93 6.33
C LYS A 90 -19.47 -35.75 6.84
N LYS A 91 -20.43 -35.73 5.92
CA LYS A 91 -21.79 -35.33 6.27
C LYS A 91 -22.43 -36.28 7.28
N THR A 92 -21.97 -37.53 7.35
CA THR A 92 -22.50 -38.45 8.35
C THR A 92 -22.04 -38.11 9.76
N ILE A 93 -21.03 -37.26 9.92
CA ILE A 93 -20.66 -36.73 11.23
C ILE A 93 -21.56 -35.53 11.52
N SER A 94 -22.55 -35.71 12.39
CA SER A 94 -23.59 -34.72 12.59
C SER A 94 -23.49 -33.97 13.91
N LYS A 95 -22.83 -34.53 14.90
CA LYS A 95 -22.72 -33.93 16.23
C LYS A 95 -21.30 -34.14 16.74
N PRO A 96 -20.85 -33.29 17.68
CA PRO A 96 -19.45 -33.39 18.14
C PRO A 96 -19.03 -34.78 18.57
N GLU A 97 -19.91 -35.52 19.25
CA GLU A 97 -19.54 -36.84 19.76
C GLU A 97 -19.34 -37.85 18.64
N ASP A 98 -19.85 -37.58 17.44
CA ASP A 98 -19.54 -38.40 16.27
C ASP A 98 -18.08 -38.29 15.86
N LEU A 99 -17.32 -37.34 16.41
CA LEU A 99 -15.92 -37.20 16.03
C LEU A 99 -15.05 -38.29 16.66
N ILE A 100 -15.54 -38.95 17.70
CA ILE A 100 -14.72 -39.93 18.43
C ILE A 100 -14.48 -41.13 17.54
N GLY A 101 -13.20 -41.53 17.42
CA GLY A 101 -12.81 -42.58 16.52
C GLY A 101 -12.55 -42.13 15.10
N LYS A 102 -12.82 -40.87 14.77
CA LYS A 102 -12.67 -40.41 13.40
C LYS A 102 -11.28 -39.83 13.18
N ARG A 103 -10.94 -39.67 11.90
CA ARG A 103 -9.63 -39.20 11.47
C ARG A 103 -9.77 -37.77 10.98
N ILE A 104 -9.25 -36.80 11.75
CA ILE A 104 -9.40 -35.38 11.46
C ILE A 104 -8.01 -34.80 11.23
N ALA A 105 -7.85 -34.06 10.14
CA ALA A 105 -6.56 -33.51 9.78
C ALA A 105 -6.48 -32.01 10.12
N VAL A 106 -5.29 -31.59 10.57
CA VAL A 106 -4.94 -30.18 10.71
C VAL A 106 -3.46 -30.03 10.41
N PRO A 107 -3.05 -28.88 9.88
CA PRO A 107 -1.60 -28.60 9.83
C PRO A 107 -1.08 -28.35 11.23
N PHE A 108 0.02 -29.02 11.56
CA PHE A 108 0.61 -28.98 12.91
C PHE A 108 0.80 -27.56 13.43
N ILE A 109 0.30 -27.32 14.65
CA ILE A 109 0.33 -26.12 15.49
C ILE A 109 -0.13 -24.86 14.74
N SER A 110 -0.89 -25.04 13.66
CA SER A 110 -1.57 -23.94 13.03
C SER A 110 -2.70 -23.41 13.91
N THR A 111 -3.30 -22.29 13.48
CA THR A 111 -4.46 -21.76 14.19
C THR A 111 -5.63 -22.74 14.20
N THR A 112 -5.75 -23.58 13.17
CA THR A 112 -6.84 -24.54 13.15
C THR A 112 -6.52 -25.81 13.94
N HIS A 113 -5.24 -26.17 14.06
CA HIS A 113 -4.87 -27.15 15.08
C HIS A 113 -5.24 -26.65 16.48
N TYR A 114 -4.82 -25.42 16.79
CA TYR A 114 -5.18 -24.80 18.06
C TYR A 114 -6.68 -24.73 18.24
N SER A 115 -7.41 -24.33 17.19
CA SER A 115 -8.85 -24.18 17.34
C SER A 115 -9.53 -25.54 17.51
N LEU A 116 -9.03 -26.57 16.80
CA LEU A 116 -9.58 -27.91 17.00
C LEU A 116 -9.44 -28.37 18.44
N LEU A 117 -8.24 -28.20 19.01
CA LEU A 117 -8.02 -28.63 20.40
C LEU A 117 -8.90 -27.84 21.35
N ALA A 118 -9.12 -26.55 21.06
CA ALA A 118 -9.99 -25.75 21.90
C ALA A 118 -11.44 -26.19 21.75
N ALA A 119 -11.85 -26.52 20.52
CA ALA A 119 -13.22 -26.97 20.29
C ALA A 119 -13.48 -28.32 20.95
N LEU A 120 -12.53 -29.25 20.83
CA LEU A 120 -12.65 -30.53 21.52
C LEU A 120 -12.76 -30.33 23.03
N LYS A 121 -11.96 -29.41 23.58
CA LYS A 121 -12.03 -29.17 25.02
C LYS A 121 -13.39 -28.61 25.41
N HIS A 122 -13.93 -27.71 24.59
CA HIS A 122 -15.25 -27.15 24.85
C HIS A 122 -16.33 -28.23 24.81
N TRP A 123 -16.19 -29.18 23.88
CA TRP A 123 -17.15 -30.26 23.69
C TRP A 123 -16.96 -31.41 24.68
N GLY A 124 -15.96 -31.33 25.56
CA GLY A 124 -15.70 -32.41 26.52
C GLY A 124 -15.14 -33.66 25.90
N ILE A 125 -14.39 -33.54 24.81
CA ILE A 125 -13.81 -34.67 24.09
C ILE A 125 -12.31 -34.60 24.27
N LYS A 126 -11.73 -35.65 24.84
CA LYS A 126 -10.29 -35.68 24.98
C LYS A 126 -9.64 -35.84 23.61
N PRO A 127 -8.54 -35.13 23.35
CA PRO A 127 -7.98 -35.13 21.98
C PRO A 127 -7.57 -36.52 21.52
N GLY A 128 -7.17 -37.38 22.45
CA GLY A 128 -6.79 -38.74 22.07
C GLY A 128 -7.95 -39.58 21.58
N GLN A 129 -9.19 -39.17 21.85
CA GLN A 129 -10.35 -39.89 21.34
C GLN A 129 -10.55 -39.68 19.85
N VAL A 130 -9.89 -38.68 19.28
CA VAL A 130 -9.89 -38.41 17.85
C VAL A 130 -8.52 -38.76 17.30
N GLU A 131 -8.49 -39.26 16.07
CA GLU A 131 -7.22 -39.51 15.39
C GLU A 131 -6.86 -38.20 14.68
N ILE A 132 -6.16 -37.33 15.41
CA ILE A 132 -5.75 -36.04 14.86
C ILE A 132 -4.45 -36.26 14.08
N VAL A 133 -4.51 -36.06 12.77
CA VAL A 133 -3.36 -36.30 11.90
C VAL A 133 -2.89 -34.97 11.34
N ASN A 134 -1.59 -34.85 11.16
CA ASN A 134 -0.99 -33.62 10.69
C ASN A 134 -0.71 -33.75 9.20
N LEU A 135 -1.33 -32.88 8.41
CA LEU A 135 -1.15 -32.81 6.97
C LEU A 135 -1.17 -31.35 6.56
N GLN A 136 -0.46 -31.03 5.49
CA GLN A 136 -0.55 -29.68 4.94
C GLN A 136 -1.82 -29.57 4.11
N PRO A 137 -2.33 -28.35 3.88
CA PRO A 137 -3.66 -28.20 3.26
C PRO A 137 -3.79 -28.88 1.91
N PRO A 138 -2.78 -28.84 1.02
CA PRO A 138 -2.99 -29.54 -0.27
C PRO A 138 -3.15 -31.04 -0.10
N ALA A 139 -2.38 -31.63 0.82
CA ALA A 139 -2.52 -33.04 1.14
C ALA A 139 -3.85 -33.34 1.82
N ILE A 140 -4.39 -32.38 2.60
CA ILE A 140 -5.68 -32.57 3.23
C ILE A 140 -6.77 -32.69 2.17
N ILE A 141 -6.73 -31.82 1.17
CA ILE A 141 -7.70 -31.89 0.08
C ILE A 141 -7.63 -33.25 -0.59
N ALA A 142 -6.42 -33.71 -0.93
CA ALA A 142 -6.28 -34.99 -1.62
C ALA A 142 -6.73 -36.13 -0.74
N ALA A 143 -6.48 -36.05 0.57
CA ALA A 143 -6.88 -37.12 1.46
C ALA A 143 -8.39 -37.16 1.60
N TRP A 144 -9.01 -35.98 1.62
CA TRP A 144 -10.46 -35.88 1.66
C TRP A 144 -11.09 -36.44 0.39
N GLN A 145 -10.50 -36.14 -0.77
CA GLN A 145 -11.04 -36.64 -2.02
C GLN A 145 -11.07 -38.15 -2.06
N ARG A 146 -10.06 -38.80 -1.47
CA ARG A 146 -9.98 -40.25 -1.47
C ARG A 146 -10.64 -40.88 -0.25
N GLY A 147 -11.31 -40.10 0.57
CA GLY A 147 -11.98 -40.60 1.76
C GLY A 147 -11.06 -41.11 2.85
N ASP A 148 -9.77 -40.78 2.80
CA ASP A 148 -8.82 -41.25 3.80
C ASP A 148 -8.88 -40.46 5.10
N ILE A 149 -9.55 -39.30 5.13
CA ILE A 149 -9.81 -38.60 6.38
C ILE A 149 -11.31 -38.36 6.45
N ASP A 150 -11.79 -38.11 7.66
CA ASP A 150 -13.20 -37.85 7.91
C ASP A 150 -13.53 -36.38 8.05
N GLY A 151 -12.52 -35.51 8.06
CA GLY A 151 -12.74 -34.10 8.22
C GLY A 151 -11.42 -33.40 8.44
N ALA A 152 -11.50 -32.07 8.49
CA ALA A 152 -10.31 -31.27 8.73
C ALA A 152 -10.73 -29.90 9.19
N TYR A 153 -9.88 -29.27 10.00
CA TYR A 153 -10.04 -27.88 10.40
C TYR A 153 -9.03 -27.09 9.57
N VAL A 154 -9.54 -26.25 8.66
CA VAL A 154 -8.72 -25.71 7.57
C VAL A 154 -9.18 -24.29 7.25
N TRP A 155 -8.33 -23.59 6.51
CA TRP A 155 -8.61 -22.28 5.94
C TRP A 155 -8.62 -22.38 4.41
N ALA A 156 -8.81 -21.24 3.74
CA ALA A 156 -8.87 -21.25 2.28
C ALA A 156 -7.53 -21.66 1.68
N PRO A 157 -7.51 -22.41 0.56
CA PRO A 157 -8.65 -22.88 -0.21
C PRO A 157 -9.20 -24.21 0.26
N ALA A 158 -8.53 -24.85 1.22
CA ALA A 158 -8.97 -26.19 1.59
C ALA A 158 -10.34 -26.16 2.26
N VAL A 159 -10.65 -25.11 3.01
CA VAL A 159 -11.94 -25.06 3.69
C VAL A 159 -13.06 -25.07 2.66
N ASN A 160 -12.86 -24.36 1.55
CA ASN A 160 -13.90 -24.27 0.52
C ASN A 160 -13.96 -25.55 -0.30
N ALA A 161 -12.81 -26.19 -0.55
CA ALA A 161 -12.82 -27.46 -1.27
C ALA A 161 -13.60 -28.51 -0.50
N LEU A 162 -13.44 -28.55 0.83
CA LEU A 162 -14.07 -29.59 1.64
C LEU A 162 -15.54 -29.29 1.88
N GLU A 163 -15.89 -28.02 2.05
CA GLU A 163 -17.28 -27.67 2.31
C GLU A 163 -18.17 -27.96 1.10
N LYS A 164 -17.59 -28.06 -0.09
CA LYS A 164 -18.39 -28.33 -1.30
C LYS A 164 -19.13 -29.66 -1.19
N ASP A 165 -18.59 -30.63 -0.45
CA ASP A 165 -19.26 -31.90 -0.22
C ASP A 165 -19.37 -32.26 1.26
N GLY A 166 -18.95 -31.38 2.16
CA GLY A 166 -18.95 -31.70 3.58
C GLY A 166 -19.81 -30.76 4.40
N LYS A 167 -19.73 -30.87 5.72
CA LYS A 167 -20.57 -30.14 6.65
C LYS A 167 -19.69 -29.35 7.63
N VAL A 168 -20.08 -28.12 7.93
CA VAL A 168 -19.35 -27.34 8.93
C VAL A 168 -19.83 -27.71 10.32
N LEU A 169 -18.91 -28.18 11.16
CA LEU A 169 -19.25 -28.58 12.52
C LEU A 169 -19.01 -27.46 13.53
N THR A 170 -17.98 -26.66 13.32
CA THR A 170 -17.76 -25.43 14.07
C THR A 170 -16.83 -24.55 13.25
N ASP A 171 -16.60 -23.34 13.74
CA ASP A 171 -15.73 -22.41 13.02
C ASP A 171 -15.01 -21.53 14.02
N SER A 172 -14.04 -20.75 13.54
CA SER A 172 -13.22 -20.02 14.48
C SER A 172 -13.89 -18.77 15.03
N GLU A 173 -14.99 -18.30 14.44
CA GLU A 173 -15.79 -17.30 15.15
C GLU A 173 -16.40 -17.90 16.41
N GLN A 174 -16.98 -19.10 16.29
CA GLN A 174 -17.55 -19.76 17.47
C GLN A 174 -16.47 -20.08 18.49
N VAL A 175 -15.34 -20.64 18.03
CA VAL A 175 -14.29 -21.02 18.97
C VAL A 175 -13.74 -19.80 19.66
N GLY A 176 -13.72 -18.65 18.99
CA GLY A 176 -13.34 -17.41 19.65
C GLY A 176 -14.34 -17.02 20.74
N GLN A 177 -15.63 -17.15 20.45
CA GLN A 177 -16.64 -16.84 21.48
C GLN A 177 -16.51 -17.77 22.67
N TRP A 178 -16.04 -19.00 22.46
CA TRP A 178 -15.84 -19.95 23.54
C TRP A 178 -14.63 -19.61 24.40
N GLY A 179 -13.76 -18.72 23.95
CA GLY A 179 -12.66 -18.25 24.77
C GLY A 179 -11.30 -18.57 24.20
N ALA A 180 -11.23 -18.97 22.94
CA ALA A 180 -9.95 -19.30 22.29
C ALA A 180 -9.84 -18.62 20.93
N PRO A 181 -9.90 -17.28 20.90
CA PRO A 181 -9.77 -16.57 19.63
C PRO A 181 -8.40 -16.76 19.01
N THR A 182 -8.36 -16.70 17.68
CA THR A 182 -7.12 -16.76 16.92
C THR A 182 -6.95 -15.51 16.06
N LEU A 183 -5.68 -15.18 15.79
CA LEU A 183 -5.28 -14.00 15.04
C LEU A 183 -4.37 -14.39 13.91
N ASP A 184 -4.28 -13.52 12.90
CA ASP A 184 -3.35 -13.65 11.81
C ASP A 184 -2.47 -12.37 11.91
N VAL A 185 -1.15 -12.52 11.92
CA VAL A 185 -0.25 -11.38 12.13
C VAL A 185 0.90 -11.44 11.13
N TRP A 186 1.63 -10.32 11.05
CA TRP A 186 2.85 -10.20 10.27
C TRP A 186 4.00 -9.95 11.23
N VAL A 187 5.06 -10.72 11.08
CA VAL A 187 6.24 -10.65 11.93
C VAL A 187 7.47 -10.35 11.07
N VAL A 188 8.50 -9.82 11.74
CA VAL A 188 9.75 -9.43 11.09
C VAL A 188 10.93 -9.83 11.95
N ARG A 189 11.97 -10.39 11.32
CA ARG A 189 13.23 -10.66 11.99
C ARG A 189 13.88 -9.39 12.52
N LYS A 190 14.47 -9.48 13.71
CA LYS A 190 15.14 -8.33 14.31
C LYS A 190 16.23 -7.78 13.39
N ASP A 191 17.08 -8.64 12.82
CA ASP A 191 18.18 -8.09 12.05
C ASP A 191 17.70 -7.35 10.81
N PHE A 192 16.59 -7.77 10.21
CA PHE A 192 16.05 -7.03 9.08
C PHE A 192 15.45 -5.71 9.52
N ALA A 193 14.71 -5.73 10.64
CA ALA A 193 14.13 -4.50 11.17
C ALA A 193 15.21 -3.50 11.56
N GLU A 194 16.36 -3.98 12.03
CA GLU A 194 17.46 -3.09 12.41
C GLU A 194 18.09 -2.45 11.17
N LYS A 195 18.26 -3.23 10.10
CA LYS A 195 18.98 -2.71 8.93
C LYS A 195 18.08 -1.93 7.99
N HIS A 196 16.81 -2.32 7.87
CA HIS A 196 15.89 -1.74 6.87
C HIS A 196 14.57 -1.32 7.49
N PRO A 197 14.59 -0.44 8.51
CA PRO A 197 13.33 -0.03 9.14
C PRO A 197 12.36 0.64 8.19
N GLU A 198 12.84 1.43 7.20
CA GLU A 198 11.91 2.07 6.29
C GLU A 198 11.24 1.05 5.38
N VAL A 199 11.89 -0.07 5.10
CA VAL A 199 11.25 -1.12 4.31
C VAL A 199 10.13 -1.76 5.11
N VAL A 200 10.37 -2.02 6.41
CA VAL A 200 9.35 -2.61 7.25
C VAL A 200 8.15 -1.67 7.37
N LYS A 201 8.41 -0.36 7.53
CA LYS A 201 7.31 0.59 7.57
C LYS A 201 6.52 0.58 6.27
N ALA A 202 7.21 0.45 5.15
CA ALA A 202 6.55 0.41 3.86
C ALA A 202 5.65 -0.83 3.75
N PHE A 203 6.12 -1.96 4.27
CA PHE A 203 5.28 -3.15 4.24
C PHE A 203 4.00 -2.91 5.01
N ALA A 204 4.11 -2.44 6.26
CA ALA A 204 2.95 -2.19 7.10
C ALA A 204 2.01 -1.19 6.43
N LYS A 205 2.58 -0.12 5.85
CA LYS A 205 1.73 0.87 5.21
C LYS A 205 0.95 0.27 4.05
N SER A 206 1.60 -0.56 3.22
CA SER A 206 0.92 -1.09 2.05
C SER A 206 -0.23 -2.00 2.45
N ALA A 207 -0.06 -2.79 3.52
CA ALA A 207 -1.11 -3.69 3.96
C ALA A 207 -2.24 -2.93 4.64
N ILE A 208 -1.91 -2.06 5.60
CA ILE A 208 -2.92 -1.28 6.31
C ILE A 208 -3.73 -0.43 5.32
N ASP A 209 -3.05 0.25 4.41
CA ASP A 209 -3.75 1.07 3.42
C ASP A 209 -4.75 0.24 2.62
N ALA A 210 -4.35 -0.99 2.26
CA ALA A 210 -5.19 -1.82 1.39
C ALA A 210 -6.44 -2.31 2.10
N GLN A 211 -6.40 -2.45 3.41
CA GLN A 211 -7.57 -2.93 4.12
C GLN A 211 -8.56 -1.81 4.41
N GLN A 212 -8.12 -0.56 4.47
CA GLN A 212 -9.04 0.50 4.88
C GLN A 212 -10.26 0.67 3.97
N PRO A 213 -10.14 0.63 2.63
CA PRO A 213 -11.36 0.74 1.80
C PRO A 213 -12.37 -0.36 2.08
N TYR A 214 -11.90 -1.56 2.41
CA TYR A 214 -12.85 -2.61 2.79
C TYR A 214 -13.52 -2.27 4.11
N ILE A 215 -12.75 -1.88 5.11
CA ILE A 215 -13.31 -1.53 6.42
C ILE A 215 -14.35 -0.42 6.29
N ALA A 216 -14.05 0.58 5.46
CA ALA A 216 -14.94 1.73 5.31
C ALA A 216 -16.32 1.32 4.78
N ASN A 217 -16.36 0.33 3.89
CA ASN A 217 -17.64 -0.10 3.32
C ASN A 217 -17.46 -1.46 2.65
N PRO A 218 -17.63 -2.55 3.39
CA PRO A 218 -17.38 -3.89 2.79
C PRO A 218 -18.12 -4.15 1.49
N ASP A 219 -19.41 -3.81 1.42
CA ASP A 219 -20.21 -4.12 0.23
C ASP A 219 -19.71 -3.37 -0.99
N VAL A 220 -19.34 -2.10 -0.82
CA VAL A 220 -18.78 -1.35 -1.94
C VAL A 220 -17.44 -1.93 -2.38
N TRP A 221 -16.59 -2.29 -1.41
CA TRP A 221 -15.31 -2.88 -1.77
C TRP A 221 -15.49 -4.20 -2.51
N LEU A 222 -16.43 -5.02 -2.04
CA LEU A 222 -16.61 -6.35 -2.63
C LEU A 222 -17.23 -6.29 -4.01
N LYS A 223 -17.87 -5.19 -4.40
CA LYS A 223 -18.44 -5.15 -5.74
C LYS A 223 -17.50 -4.52 -6.76
N GLN A 224 -16.28 -4.15 -6.36
CA GLN A 224 -15.25 -3.83 -7.33
C GLN A 224 -14.66 -5.13 -7.85
N PRO A 225 -14.82 -5.44 -9.14
CA PRO A 225 -14.43 -6.80 -9.62
C PRO A 225 -12.96 -7.10 -9.42
N GLU A 226 -12.08 -6.11 -9.58
CA GLU A 226 -10.65 -6.36 -9.45
C GLU A 226 -10.26 -6.74 -8.02
N ASN A 227 -11.01 -6.29 -7.02
CA ASN A 227 -10.74 -6.75 -5.66
C ASN A 227 -11.02 -8.24 -5.52
N ILE A 228 -12.10 -8.72 -6.15
CA ILE A 228 -12.45 -10.12 -5.99
C ILE A 228 -11.49 -11.01 -6.77
N SER A 229 -11.14 -10.61 -8.00
CA SER A 229 -10.26 -11.43 -8.85
C SER A 229 -8.84 -11.51 -8.28
N LYS A 230 -8.35 -10.44 -7.67
CA LYS A 230 -7.01 -10.50 -7.09
C LYS A 230 -6.98 -11.46 -5.90
N LEU A 231 -8.05 -11.47 -5.09
CA LEU A 231 -8.09 -12.36 -3.94
C LEU A 231 -8.27 -13.81 -4.37
N ALA A 232 -9.15 -14.05 -5.36
CA ALA A 232 -9.34 -15.40 -5.88
C ALA A 232 -8.04 -15.97 -6.40
N ARG A 233 -7.24 -15.15 -7.09
CA ARG A 233 -6.03 -15.63 -7.73
C ARG A 233 -4.96 -15.99 -6.71
N LEU A 234 -4.75 -15.12 -5.71
CA LEU A 234 -3.63 -15.35 -4.80
C LEU A 234 -3.95 -16.40 -3.75
N SER A 235 -5.23 -16.57 -3.40
CA SER A 235 -5.67 -17.61 -2.48
C SER A 235 -5.96 -18.93 -3.18
N GLY A 236 -6.27 -18.90 -4.47
CA GLY A 236 -6.61 -20.12 -5.17
C GLY A 236 -8.04 -20.59 -4.99
N VAL A 237 -8.98 -19.68 -4.79
CA VAL A 237 -10.39 -20.04 -4.65
C VAL A 237 -11.20 -19.48 -5.82
N PRO A 238 -12.34 -20.09 -6.14
CA PRO A 238 -13.24 -19.48 -7.13
C PRO A 238 -13.72 -18.12 -6.65
N GLU A 239 -13.99 -17.24 -7.62
CA GLU A 239 -14.41 -15.89 -7.27
C GLU A 239 -15.65 -15.90 -6.38
N GLY A 240 -16.57 -16.84 -6.61
CA GLY A 240 -17.79 -16.89 -5.80
C GLY A 240 -17.57 -17.12 -4.32
N ASP A 241 -16.42 -17.71 -3.96
CA ASP A 241 -16.12 -17.96 -2.56
C ASP A 241 -15.48 -16.77 -1.85
N VAL A 242 -14.92 -15.83 -2.61
CA VAL A 242 -14.16 -14.73 -1.98
C VAL A 242 -15.00 -13.92 -0.99
N PRO A 243 -16.23 -13.46 -1.33
CA PRO A 243 -16.94 -12.59 -0.38
C PRO A 243 -17.19 -13.21 0.98
N GLY A 244 -17.59 -14.48 1.04
CA GLY A 244 -17.80 -15.11 2.33
C GLY A 244 -16.51 -15.24 3.12
N LEU A 245 -15.41 -15.52 2.42
CA LEU A 245 -14.12 -15.61 3.09
C LEU A 245 -13.74 -14.26 3.69
N VAL A 246 -13.81 -13.20 2.88
CA VAL A 246 -13.43 -11.88 3.38
C VAL A 246 -14.28 -11.49 4.59
N LYS A 247 -15.59 -11.69 4.49
CA LYS A 247 -16.46 -11.33 5.60
C LYS A 247 -16.30 -12.26 6.80
N GLY A 248 -15.52 -13.32 6.68
CA GLY A 248 -15.25 -14.25 7.75
C GLY A 248 -14.12 -13.86 8.68
N ASN A 249 -13.63 -12.63 8.59
CA ASN A 249 -12.67 -12.07 9.55
C ASN A 249 -13.09 -10.63 9.83
N THR A 250 -12.47 -10.03 10.85
CA THR A 250 -12.51 -8.58 10.97
C THR A 250 -11.10 -8.02 10.87
N TYR A 251 -11.01 -6.76 10.46
CA TYR A 251 -9.74 -6.11 10.14
C TYR A 251 -9.66 -4.80 10.90
N LEU A 252 -8.49 -4.18 10.87
CA LEU A 252 -8.15 -3.12 11.82
C LEU A 252 -7.87 -1.79 11.11
N THR A 253 -8.42 -0.73 11.69
CA THR A 253 -8.03 0.62 11.31
C THR A 253 -6.62 0.91 11.82
N PRO A 254 -5.96 1.95 11.31
CA PRO A 254 -4.67 2.33 11.90
C PRO A 254 -4.73 2.56 13.40
N GLN A 255 -5.78 3.23 13.87
CA GLN A 255 -5.94 3.42 15.31
C GLN A 255 -6.05 2.07 16.03
N GLN A 256 -6.77 1.12 15.44
CA GLN A 256 -6.89 -0.19 16.08
C GLN A 256 -5.58 -0.96 16.05
N GLN A 257 -4.79 -0.81 14.99
CA GLN A 257 -3.49 -1.48 14.94
C GLN A 257 -2.62 -1.02 16.10
N THR A 258 -2.50 0.30 16.28
CA THR A 258 -1.68 0.79 17.38
C THR A 258 -2.21 0.33 18.72
N ALA A 259 -3.54 0.34 18.88
CA ALA A 259 -4.14 -0.09 20.14
C ALA A 259 -3.85 -1.57 20.41
N GLU A 260 -4.04 -2.40 19.39
CA GLU A 260 -3.83 -3.84 19.56
C GLU A 260 -2.38 -4.17 19.85
N LEU A 261 -1.45 -3.53 19.14
CA LEU A 261 -0.02 -3.77 19.33
C LEU A 261 0.48 -3.28 20.68
N THR A 262 -0.31 -2.48 21.39
CA THR A 262 0.09 -1.97 22.71
C THR A 262 -0.67 -2.65 23.84
N GLY A 263 -0.50 -3.97 23.97
CA GLY A 263 -1.10 -4.71 25.05
C GLY A 263 -1.88 -5.94 24.61
N PRO A 264 -2.95 -5.73 23.84
CA PRO A 264 -3.79 -6.88 23.46
C PRO A 264 -3.04 -8.02 22.80
N VAL A 265 -2.12 -7.76 21.87
CA VAL A 265 -1.40 -8.85 21.21
C VAL A 265 -0.51 -9.60 22.20
N ASN A 266 0.21 -8.87 23.05
CA ASN A 266 0.97 -9.51 24.11
C ASN A 266 0.10 -10.49 24.90
N LYS A 267 -1.06 -10.01 25.38
CA LYS A 267 -1.97 -10.88 26.13
C LYS A 267 -2.39 -12.08 25.28
N ALA A 268 -2.67 -11.87 24.00
CA ALA A 268 -3.01 -12.98 23.11
C ALA A 268 -1.90 -14.04 23.08
N ILE A 269 -0.62 -13.63 23.00
CA ILE A 269 0.48 -14.60 22.95
C ILE A 269 0.59 -15.35 24.27
N ILE A 270 0.54 -14.61 25.39
CA ILE A 270 0.54 -15.22 26.71
C ILE A 270 -0.51 -16.32 26.80
N ASP A 271 -1.75 -15.98 26.46
CA ASP A 271 -2.85 -16.93 26.61
C ASP A 271 -2.74 -18.08 25.61
N THR A 272 -2.33 -17.79 24.38
CA THR A 272 -2.18 -18.84 23.37
C THR A 272 -1.07 -19.81 23.77
N ALA A 273 0.05 -19.27 24.26
CA ALA A 273 1.14 -20.12 24.71
C ALA A 273 0.71 -21.00 25.87
N GLN A 274 -0.09 -20.45 26.79
CA GLN A 274 -0.53 -21.21 27.95
C GLN A 274 -1.38 -22.41 27.55
N PHE A 275 -2.36 -22.19 26.68
CA PHE A 275 -3.20 -23.29 26.21
C PHE A 275 -2.36 -24.33 25.47
N LEU A 276 -1.41 -23.87 24.65
CA LEU A 276 -0.56 -24.82 23.94
C LEU A 276 0.26 -25.65 24.93
N LYS A 277 0.71 -25.04 26.02
CA LYS A 277 1.42 -25.81 27.04
C LYS A 277 0.49 -26.81 27.72
N GLU A 278 -0.74 -26.41 28.02
CA GLU A 278 -1.68 -27.32 28.65
C GLU A 278 -2.01 -28.50 27.73
N GLN A 279 -2.08 -28.25 26.43
CA GLN A 279 -2.32 -29.30 25.45
C GLN A 279 -1.05 -30.08 25.11
N GLY A 280 0.06 -29.77 25.79
CA GLY A 280 1.29 -30.51 25.61
C GLY A 280 2.02 -30.24 24.32
N LYS A 281 1.83 -29.07 23.73
CA LYS A 281 2.46 -28.77 22.44
C LYS A 281 3.71 -27.91 22.57
N VAL A 282 3.88 -27.23 23.70
CA VAL A 282 5.11 -26.48 23.95
C VAL A 282 5.57 -26.82 25.37
N PRO A 283 6.87 -26.98 25.61
CA PRO A 283 7.32 -27.41 26.94
C PRO A 283 7.26 -26.31 27.98
N ALA A 284 7.69 -25.10 27.65
CA ALA A 284 7.73 -24.01 28.62
C ALA A 284 7.18 -22.73 28.00
N VAL A 285 6.58 -21.89 28.85
CA VAL A 285 6.02 -20.61 28.42
C VAL A 285 6.48 -19.52 29.38
N ALA A 286 6.20 -18.28 28.99
CA ALA A 286 6.52 -17.09 29.77
C ALA A 286 5.23 -16.39 30.16
N ASN A 287 5.31 -15.57 31.20
CA ASN A 287 4.17 -14.75 31.59
C ASN A 287 4.13 -13.42 30.86
N ASP A 288 5.04 -13.18 29.92
CA ASP A 288 5.07 -11.93 29.18
C ASP A 288 5.80 -12.13 27.85
N TYR A 289 5.22 -11.57 26.78
CA TYR A 289 5.82 -11.67 25.45
C TYR A 289 5.98 -10.30 24.80
N SER A 290 6.23 -9.26 25.62
CA SER A 290 6.34 -7.91 25.06
C SER A 290 7.55 -7.79 24.12
N GLN A 291 8.56 -8.65 24.24
CA GLN A 291 9.66 -8.65 23.28
C GLN A 291 9.24 -9.04 21.88
N TYR A 292 8.04 -9.63 21.69
CA TYR A 292 7.63 -10.19 20.41
C TYR A 292 6.56 -9.35 19.73
N VAL A 293 6.39 -8.10 20.17
CA VAL A 293 5.33 -7.22 19.65
C VAL A 293 5.87 -5.81 19.62
N THR A 294 5.51 -5.05 18.58
CA THR A 294 5.88 -3.64 18.56
C THR A 294 4.87 -2.83 17.75
N SER A 295 4.66 -1.58 18.17
CA SER A 295 3.88 -0.63 17.40
C SER A 295 4.73 0.35 16.61
N ARG A 296 6.07 0.19 16.63
CA ARG A 296 6.90 1.26 16.09
C ARG A 296 6.87 1.33 14.57
N PHE A 297 6.27 0.37 13.87
CA PHE A 297 6.28 0.41 12.42
C PHE A 297 4.94 0.82 11.84
N VAL A 298 3.94 1.11 12.67
CA VAL A 298 2.64 1.56 12.17
C VAL A 298 2.35 2.99 12.64
N VAL B 2 28.25 4.31 -7.10
CA VAL B 2 27.13 5.20 -6.83
C VAL B 2 25.79 4.46 -6.74
N ASN B 3 25.15 4.57 -5.59
CA ASN B 3 23.78 4.11 -5.38
C ASN B 3 22.91 5.34 -5.16
N VAL B 4 21.76 5.38 -5.83
CA VAL B 4 20.88 6.55 -5.73
C VAL B 4 19.44 6.08 -5.67
N THR B 5 18.64 6.73 -4.82
CA THR B 5 17.22 6.42 -4.71
C THR B 5 16.41 7.59 -5.24
N VAL B 6 15.53 7.30 -6.19
CA VAL B 6 14.69 8.29 -6.85
C VAL B 6 13.26 8.14 -6.35
N ALA B 7 12.69 9.23 -5.84
CA ALA B 7 11.28 9.25 -5.47
C ALA B 7 10.47 9.74 -6.68
N TYR B 8 9.59 8.89 -7.19
CA TYR B 8 8.78 9.25 -8.34
C TYR B 8 7.31 9.25 -7.96
N GLN B 9 6.50 9.85 -8.83
CA GLN B 9 5.06 9.98 -8.63
C GLN B 9 4.32 9.43 -9.86
N THR B 10 3.00 9.39 -9.76
CA THR B 10 2.16 8.62 -10.67
C THR B 10 1.72 9.42 -11.90
N SER B 11 2.58 10.31 -12.40
CA SER B 11 2.25 11.06 -13.61
C SER B 11 2.41 10.19 -14.85
N ALA B 12 1.48 10.32 -15.78
CA ALA B 12 1.60 9.69 -17.09
C ALA B 12 2.18 10.75 -18.04
N GLU B 13 3.50 10.84 -18.09
CA GLU B 13 4.19 11.78 -18.95
C GLU B 13 5.34 11.08 -19.66
N PRO B 14 5.82 11.62 -20.79
CA PRO B 14 6.76 10.86 -21.63
C PRO B 14 8.04 10.37 -20.96
N ALA B 15 8.56 11.10 -19.96
CA ALA B 15 9.79 10.67 -19.30
C ALA B 15 9.65 9.34 -18.56
N LYS B 16 8.41 8.88 -18.35
CA LYS B 16 8.22 7.55 -17.78
C LYS B 16 8.78 6.47 -18.69
N VAL B 17 8.89 6.73 -20.00
CA VAL B 17 9.49 5.75 -20.90
C VAL B 17 10.95 5.52 -20.52
N ALA B 18 11.66 6.58 -20.13
CA ALA B 18 13.06 6.44 -19.73
C ALA B 18 13.17 5.73 -18.40
N GLN B 19 12.24 5.99 -17.47
CA GLN B 19 12.19 5.24 -16.22
C GLN B 19 11.96 3.75 -16.48
N ALA B 20 10.94 3.44 -17.29
CA ALA B 20 10.63 2.04 -17.60
C ALA B 20 11.79 1.33 -18.28
N ASP B 21 12.57 2.05 -19.10
CA ASP B 21 13.71 1.47 -19.80
C ASP B 21 14.99 1.53 -18.99
N ASN B 22 14.95 2.09 -17.78
CA ASN B 22 16.14 2.21 -16.92
C ASN B 22 17.29 2.89 -17.64
N THR B 23 16.95 3.87 -18.49
CA THR B 23 17.96 4.56 -19.29
C THR B 23 18.99 5.25 -18.41
N PHE B 24 18.53 5.87 -17.31
CA PHE B 24 19.40 6.62 -16.44
C PHE B 24 20.48 5.73 -15.82
N ALA B 25 20.08 4.57 -15.31
CA ALA B 25 21.02 3.62 -14.74
C ALA B 25 21.98 3.07 -15.80
N LYS B 26 21.44 2.73 -16.97
CA LYS B 26 22.26 2.12 -18.01
C LYS B 26 23.33 3.08 -18.52
N GLU B 27 22.96 4.35 -18.69
CA GLU B 27 23.89 5.34 -19.23
C GLU B 27 24.93 5.78 -18.22
N SER B 28 24.53 5.91 -16.95
CA SER B 28 25.44 6.42 -15.95
C SER B 28 26.29 5.33 -15.30
N GLY B 29 25.87 4.08 -15.39
CA GLY B 29 26.50 3.02 -14.64
C GLY B 29 26.16 3.02 -13.16
N ALA B 30 25.14 3.77 -12.77
CA ALA B 30 24.71 3.87 -11.38
C ALA B 30 23.75 2.73 -11.04
N THR B 31 23.72 2.38 -9.75
CA THR B 31 22.67 1.51 -9.22
C THR B 31 21.52 2.39 -8.77
N VAL B 32 20.33 2.15 -9.32
CA VAL B 32 19.19 3.04 -9.11
C VAL B 32 18.06 2.28 -8.43
N ASP B 33 17.64 2.78 -7.27
CA ASP B 33 16.41 2.37 -6.61
C ASP B 33 15.32 3.38 -6.93
N TRP B 34 14.14 2.89 -7.29
CA TRP B 34 12.98 3.74 -7.55
C TRP B 34 11.96 3.53 -6.45
N ARG B 35 11.41 4.61 -5.90
CA ARG B 35 10.37 4.53 -4.88
CA ARG B 35 10.37 4.53 -4.88
C ARG B 35 9.17 5.34 -5.31
N LYS B 36 8.00 4.69 -5.41
CA LYS B 36 6.76 5.37 -5.72
C LYS B 36 6.21 6.03 -4.46
N PHE B 37 5.76 7.28 -4.60
CA PHE B 37 5.12 8.03 -3.53
C PHE B 37 3.74 8.50 -4.00
N ASP B 38 2.80 8.58 -3.05
CA ASP B 38 1.44 8.96 -3.38
C ASP B 38 1.28 10.47 -3.58
N SER B 39 2.15 11.27 -2.98
CA SER B 39 2.12 12.72 -3.21
C SER B 39 3.46 13.30 -2.74
N GLY B 40 3.61 14.63 -2.88
CA GLY B 40 4.90 15.27 -2.70
C GLY B 40 5.29 15.52 -1.26
N ALA B 41 4.32 15.62 -0.34
CA ALA B 41 4.65 15.93 1.05
C ALA B 41 5.57 14.89 1.67
N SER B 42 5.27 13.60 1.46
CA SER B 42 6.16 12.57 1.99
C SER B 42 7.50 12.53 1.25
N ILE B 43 7.56 13.01 0.01
CA ILE B 43 8.85 13.10 -0.67
C ILE B 43 9.70 14.17 -0.02
N VAL B 44 9.10 15.30 0.35
CA VAL B 44 9.84 16.32 1.09
C VAL B 44 10.45 15.70 2.35
N ARG B 45 9.66 14.94 3.09
CA ARG B 45 10.18 14.33 4.32
C ARG B 45 11.30 13.35 4.03
N ALA B 46 11.21 12.58 2.92
CA ALA B 46 12.25 11.62 2.58
C ALA B 46 13.51 12.31 2.07
N LEU B 47 13.36 13.40 1.32
CA LEU B 47 14.53 14.18 0.93
C LEU B 47 15.20 14.80 2.16
N ALA B 48 14.40 15.33 3.09
CA ALA B 48 14.98 15.99 4.24
C ALA B 48 15.77 15.00 5.09
N SER B 49 15.31 13.75 5.17
CA SER B 49 15.98 12.74 5.98
C SER B 49 17.19 12.14 5.28
N GLY B 50 17.29 12.30 3.97
CA GLY B 50 18.34 11.67 3.22
C GLY B 50 18.00 10.30 2.70
N ASP B 51 16.76 9.84 2.87
CA ASP B 51 16.38 8.53 2.38
C ASP B 51 16.22 8.50 0.87
N VAL B 52 15.95 9.64 0.27
CA VAL B 52 15.87 9.81 -1.18
C VAL B 52 16.81 10.94 -1.57
N GLN B 53 17.46 10.81 -2.72
CA GLN B 53 18.40 11.84 -3.19
C GLN B 53 17.88 12.68 -4.35
N ILE B 54 17.01 12.12 -5.18
CA ILE B 54 16.38 12.80 -6.30
C ILE B 54 14.89 12.55 -6.20
N GLY B 55 14.10 13.62 -6.25
CA GLY B 55 12.67 13.48 -6.06
C GLY B 55 11.87 14.39 -6.98
N ASN B 56 10.71 13.90 -7.37
CA ASN B 56 9.74 14.65 -8.16
C ASN B 56 8.77 15.36 -7.22
N LEU B 57 8.81 16.71 -7.21
CA LEU B 57 7.92 17.52 -6.38
C LEU B 57 7.05 18.42 -7.23
N GLY B 58 5.79 18.61 -6.81
CA GLY B 58 5.01 19.73 -7.31
C GLY B 58 5.56 21.06 -6.82
N SER B 59 5.19 22.13 -7.52
CA SER B 59 5.69 23.44 -7.13
C SER B 59 5.23 23.86 -5.73
N SER B 60 4.05 23.36 -5.29
CA SER B 60 3.60 23.70 -3.94
C SER B 60 4.40 22.96 -2.87
N PRO B 61 4.59 21.63 -2.93
CA PRO B 61 5.52 21.01 -1.97
C PRO B 61 6.92 21.58 -2.04
N LEU B 62 7.38 21.95 -3.23
CA LEU B 62 8.70 22.55 -3.36
C LEU B 62 8.79 23.83 -2.53
N ALA B 63 7.76 24.68 -2.63
CA ALA B 63 7.79 25.94 -1.89
C ALA B 63 7.77 25.69 -0.38
N VAL B 64 7.03 24.68 0.07
CA VAL B 64 7.06 24.30 1.47
C VAL B 64 8.46 23.83 1.86
N ALA B 65 9.07 22.97 1.03
CA ALA B 65 10.40 22.48 1.33
C ALA B 65 11.39 23.62 1.45
N ALA B 66 11.34 24.57 0.50
CA ALA B 66 12.24 25.72 0.52
C ALA B 66 12.01 26.61 1.73
N SER B 67 10.75 26.76 2.17
CA SER B 67 10.50 27.53 3.38
C SER B 67 11.07 26.83 4.62
N GLN B 68 11.24 25.52 4.57
CA GLN B 68 11.85 24.78 5.67
C GLN B 68 13.36 24.64 5.50
N GLN B 69 13.95 25.28 4.49
CA GLN B 69 15.40 25.27 4.26
C GLN B 69 15.93 23.85 4.05
N VAL B 70 15.13 22.99 3.43
CA VAL B 70 15.61 21.65 3.05
C VAL B 70 16.69 21.81 1.98
N PRO B 71 17.85 21.13 2.11
CA PRO B 71 18.98 21.34 1.20
C PRO B 71 18.80 20.63 -0.15
N ILE B 72 17.86 21.14 -0.95
CA ILE B 72 17.53 20.61 -2.24
C ILE B 72 17.51 21.75 -3.26
N GLU B 73 17.75 21.39 -4.53
CA GLU B 73 17.65 22.32 -5.66
C GLU B 73 16.83 21.71 -6.77
N VAL B 74 15.91 22.50 -7.34
CA VAL B 74 15.32 22.16 -8.62
C VAL B 74 16.43 22.13 -9.66
N PHE B 75 16.55 21.01 -10.39
CA PHE B 75 17.53 20.97 -11.47
C PHE B 75 16.92 20.64 -12.82
N LEU B 76 15.61 20.47 -12.88
CA LEU B 76 14.95 19.94 -14.06
C LEU B 76 13.46 20.16 -13.88
N LEU B 77 12.78 20.59 -14.93
CA LEU B 77 11.33 20.61 -14.91
C LEU B 77 10.82 19.31 -15.52
N ALA B 78 9.83 18.72 -14.87
CA ALA B 78 9.12 17.60 -15.48
C ALA B 78 8.08 18.12 -16.46
N SER B 79 7.28 19.08 -16.03
CA SER B 79 6.24 19.62 -16.91
C SER B 79 5.67 20.88 -16.30
N LYS B 80 4.99 21.65 -17.15
CA LYS B 80 4.10 22.70 -16.71
C LYS B 80 2.70 22.11 -16.71
N LEU B 81 2.05 22.11 -15.55
CA LEU B 81 0.83 21.34 -15.32
C LEU B 81 -0.38 21.99 -15.96
N GLY B 82 -1.10 21.21 -16.78
CA GLY B 82 -2.34 21.66 -17.38
C GLY B 82 -3.52 20.85 -16.91
N ASN B 83 -4.44 20.48 -17.82
CA ASN B 83 -5.65 19.79 -17.36
C ASN B 83 -5.42 18.30 -17.07
N SER B 84 -4.16 17.85 -16.98
CA SER B 84 -3.88 16.54 -16.41
C SER B 84 -4.26 16.44 -14.94
N GLU B 85 -4.42 17.57 -14.25
CA GLU B 85 -4.97 17.58 -12.90
C GLU B 85 -6.20 18.47 -12.87
N ALA B 86 -7.21 18.03 -12.14
CA ALA B 86 -8.51 18.66 -12.30
C ALA B 86 -9.34 18.46 -11.05
N LEU B 87 -10.31 19.33 -10.91
CA LEU B 87 -11.31 19.24 -9.86
C LEU B 87 -12.48 18.47 -10.45
N VAL B 88 -12.60 17.20 -10.07
CA VAL B 88 -13.71 16.37 -10.52
C VAL B 88 -14.73 16.30 -9.40
N VAL B 89 -16.00 16.53 -9.73
CA VAL B 89 -17.06 16.65 -8.73
C VAL B 89 -18.23 15.78 -9.18
N LYS B 90 -19.10 15.47 -8.22
CA LYS B 90 -20.36 14.79 -8.53
C LYS B 90 -21.16 15.59 -9.55
N LYS B 91 -21.94 14.88 -10.37
CA LYS B 91 -22.61 15.58 -11.47
C LYS B 91 -23.69 16.54 -11.01
N THR B 92 -24.13 16.47 -9.75
CA THR B 92 -25.11 17.40 -9.21
C THR B 92 -24.50 18.73 -8.80
N ILE B 93 -23.18 18.83 -8.79
CA ILE B 93 -22.45 20.07 -8.56
C ILE B 93 -22.14 20.67 -9.94
N SER B 94 -22.76 21.79 -10.25
CA SER B 94 -22.58 22.40 -11.57
C SER B 94 -22.00 23.82 -11.52
N LYS B 95 -22.23 24.56 -10.44
CA LYS B 95 -21.68 25.90 -10.30
C LYS B 95 -20.71 25.93 -9.13
N PRO B 96 -19.71 26.81 -9.16
CA PRO B 96 -18.84 26.98 -7.98
C PRO B 96 -19.60 27.13 -6.67
N GLU B 97 -20.69 27.90 -6.63
CA GLU B 97 -21.44 28.04 -5.40
C GLU B 97 -21.98 26.70 -4.90
N ASP B 98 -22.22 25.74 -5.80
CA ASP B 98 -22.64 24.41 -5.36
C ASP B 98 -21.60 23.69 -4.51
N LEU B 99 -20.36 24.21 -4.44
CA LEU B 99 -19.32 23.60 -3.62
C LEU B 99 -19.45 23.94 -2.14
N ILE B 100 -20.20 25.00 -1.81
CA ILE B 100 -20.32 25.42 -0.42
C ILE B 100 -20.98 24.31 0.38
N GLY B 101 -20.33 23.88 1.46
CA GLY B 101 -20.86 22.82 2.28
C GLY B 101 -20.55 21.43 1.80
N LYS B 102 -19.85 21.27 0.68
CA LYS B 102 -19.51 19.95 0.16
C LYS B 102 -18.15 19.49 0.67
N ARG B 103 -17.93 18.18 0.60
CA ARG B 103 -16.67 17.60 1.04
C ARG B 103 -15.79 17.35 -0.18
N ILE B 104 -14.67 18.07 -0.26
CA ILE B 104 -13.76 18.04 -1.39
C ILE B 104 -12.38 17.61 -0.90
N ALA B 105 -11.82 16.57 -1.51
CA ALA B 105 -10.58 15.98 -1.05
C ALA B 105 -9.40 16.43 -1.89
N VAL B 106 -8.29 16.71 -1.22
CA VAL B 106 -7.00 16.94 -1.88
C VAL B 106 -5.90 16.38 -1.00
N PRO B 107 -4.81 15.92 -1.62
CA PRO B 107 -3.60 15.62 -0.84
C PRO B 107 -2.97 16.93 -0.38
N PHE B 108 -2.78 17.07 0.92
CA PHE B 108 -2.48 18.40 1.42
C PHE B 108 -1.08 18.85 0.99
N ILE B 109 -0.97 20.16 0.76
CA ILE B 109 0.16 20.93 0.20
C ILE B 109 0.60 20.47 -1.19
N SER B 110 -0.13 19.54 -1.82
CA SER B 110 0.13 19.21 -3.22
C SER B 110 -0.27 20.37 -4.14
N THR B 111 0.11 20.24 -5.42
CA THR B 111 -0.30 21.22 -6.42
C THR B 111 -1.81 21.32 -6.53
N THR B 112 -2.53 20.23 -6.32
CA THR B 112 -3.98 20.33 -6.45
C THR B 112 -4.64 20.92 -5.21
N HIS B 113 -4.03 20.78 -4.02
CA HIS B 113 -4.48 21.55 -2.86
C HIS B 113 -4.33 23.04 -3.14
N TYR B 114 -3.15 23.42 -3.63
CA TYR B 114 -2.87 24.81 -3.97
C TYR B 114 -3.82 25.33 -5.04
N SER B 115 -4.07 24.52 -6.08
CA SER B 115 -4.93 24.98 -7.16
C SER B 115 -6.39 25.06 -6.73
N LEU B 116 -6.81 24.18 -5.82
CA LEU B 116 -8.17 24.28 -5.29
C LEU B 116 -8.34 25.57 -4.50
N LEU B 117 -7.36 25.89 -3.66
CA LEU B 117 -7.43 27.15 -2.91
C LEU B 117 -7.48 28.34 -3.86
N ALA B 118 -6.70 28.30 -4.94
CA ALA B 118 -6.68 29.40 -5.88
C ALA B 118 -7.99 29.50 -6.66
N ALA B 119 -8.55 28.35 -7.07
CA ALA B 119 -9.86 28.36 -7.72
C ALA B 119 -10.93 28.93 -6.80
N LEU B 120 -10.94 28.51 -5.53
CA LEU B 120 -11.93 29.02 -4.60
C LEU B 120 -11.84 30.53 -4.48
N LYS B 121 -10.60 31.05 -4.40
CA LYS B 121 -10.39 32.49 -4.30
C LYS B 121 -10.88 33.21 -5.55
N HIS B 122 -10.58 32.64 -6.73
CA HIS B 122 -11.08 33.21 -7.98
C HIS B 122 -12.60 33.29 -8.00
N TRP B 123 -13.26 32.27 -7.46
CA TRP B 123 -14.71 32.21 -7.42
C TRP B 123 -15.31 33.00 -6.27
N GLY B 124 -14.49 33.61 -5.43
CA GLY B 124 -15.04 34.33 -4.30
C GLY B 124 -15.58 33.47 -3.18
N ILE B 125 -15.10 32.22 -3.08
CA ILE B 125 -15.56 31.27 -2.07
C ILE B 125 -14.46 31.14 -1.01
N LYS B 126 -14.82 31.33 0.25
CA LYS B 126 -13.84 31.17 1.31
C LYS B 126 -13.51 29.70 1.50
N PRO B 127 -12.22 29.35 1.64
CA PRO B 127 -11.87 27.94 1.89
C PRO B 127 -12.69 27.29 3.00
N GLY B 128 -12.95 28.01 4.08
CA GLY B 128 -13.72 27.44 5.17
C GLY B 128 -15.18 27.19 4.85
N GLN B 129 -15.66 27.67 3.71
CA GLN B 129 -17.02 27.37 3.29
C GLN B 129 -17.14 25.97 2.70
N VAL B 130 -16.02 25.33 2.40
CA VAL B 130 -15.99 23.98 1.85
C VAL B 130 -15.37 23.05 2.88
N GLU B 131 -15.89 21.83 3.00
CA GLU B 131 -15.27 20.83 3.85
C GLU B 131 -14.10 20.23 3.09
N ILE B 132 -12.92 20.86 3.20
CA ILE B 132 -11.74 20.40 2.49
C ILE B 132 -11.07 19.34 3.36
N VAL B 133 -10.93 18.14 2.83
CA VAL B 133 -10.41 17.04 3.62
C VAL B 133 -9.12 16.53 3.02
N ASN B 134 -8.23 16.08 3.91
CA ASN B 134 -6.87 15.69 3.59
C ASN B 134 -6.80 14.19 3.33
N LEU B 135 -6.67 13.80 2.06
CA LEU B 135 -6.63 12.39 1.69
C LEU B 135 -5.58 12.16 0.62
N GLN B 136 -4.90 11.01 0.69
CA GLN B 136 -4.02 10.64 -0.39
C GLN B 136 -4.80 10.00 -1.53
N PRO B 137 -4.25 9.94 -2.73
CA PRO B 137 -5.06 9.61 -3.93
C PRO B 137 -5.73 8.24 -3.87
N PRO B 138 -5.07 7.18 -3.37
CA PRO B 138 -5.82 5.91 -3.27
C PRO B 138 -7.02 6.01 -2.35
N ALA B 139 -6.87 6.70 -1.22
CA ALA B 139 -8.01 6.90 -0.32
C ALA B 139 -9.06 7.79 -0.94
N ILE B 140 -8.66 8.69 -1.84
CA ILE B 140 -9.64 9.54 -2.52
C ILE B 140 -10.52 8.70 -3.44
N ILE B 141 -9.89 7.80 -4.23
CA ILE B 141 -10.65 6.90 -5.11
C ILE B 141 -11.66 6.09 -4.32
N ALA B 142 -11.22 5.50 -3.20
CA ALA B 142 -12.11 4.69 -2.38
C ALA B 142 -13.21 5.53 -1.75
N ALA B 143 -12.86 6.73 -1.25
CA ALA B 143 -13.90 7.60 -0.72
C ALA B 143 -14.90 7.97 -1.79
N TRP B 144 -14.43 8.17 -3.02
CA TRP B 144 -15.33 8.53 -4.12
C TRP B 144 -16.25 7.37 -4.46
N GLN B 145 -15.70 6.15 -4.49
CA GLN B 145 -16.52 4.99 -4.80
C GLN B 145 -17.58 4.73 -3.72
N ARG B 146 -17.31 5.15 -2.48
CA ARG B 146 -18.28 5.05 -1.39
C ARG B 146 -19.33 6.15 -1.39
N GLY B 147 -19.10 7.23 -2.11
CA GLY B 147 -19.96 8.39 -2.01
C GLY B 147 -19.72 9.23 -0.77
N ASP B 148 -18.57 9.07 -0.11
CA ASP B 148 -18.27 9.79 1.12
C ASP B 148 -17.55 11.11 0.88
N ILE B 149 -17.21 11.43 -0.37
CA ILE B 149 -16.75 12.75 -0.76
C ILE B 149 -17.55 13.17 -1.98
N ASP B 150 -17.68 14.49 -2.14
CA ASP B 150 -18.41 15.06 -3.27
C ASP B 150 -17.51 15.39 -4.44
N GLY B 151 -16.20 15.24 -4.29
CA GLY B 151 -15.30 15.61 -5.35
C GLY B 151 -13.89 15.70 -4.81
N ALA B 152 -12.97 15.97 -5.73
CA ALA B 152 -11.56 15.98 -5.39
C ALA B 152 -10.80 16.69 -6.49
N TYR B 153 -9.73 17.36 -6.10
CA TYR B 153 -8.80 17.97 -7.03
C TYR B 153 -7.58 17.06 -7.01
N VAL B 154 -7.32 16.39 -8.13
CA VAL B 154 -6.46 15.21 -8.17
C VAL B 154 -5.69 15.13 -9.48
N TRP B 155 -4.66 14.28 -9.49
CA TRP B 155 -3.94 13.89 -10.69
C TRP B 155 -4.11 12.37 -10.90
N ALA B 156 -3.46 11.86 -11.94
CA ALA B 156 -3.56 10.44 -12.30
C ALA B 156 -2.94 9.58 -11.20
N PRO B 157 -3.50 8.40 -10.91
CA PRO B 157 -4.64 7.78 -11.59
C PRO B 157 -5.99 8.18 -11.00
N ALA B 158 -5.99 9.02 -9.96
CA ALA B 158 -7.27 9.36 -9.33
C ALA B 158 -8.12 10.22 -10.26
N VAL B 159 -7.52 11.13 -11.02
CA VAL B 159 -8.33 12.09 -11.75
C VAL B 159 -9.14 11.40 -12.85
N ASN B 160 -8.52 10.46 -13.56
CA ASN B 160 -9.22 9.78 -14.64
C ASN B 160 -10.17 8.74 -14.09
N ALA B 161 -9.87 8.15 -12.93
CA ALA B 161 -10.84 7.28 -12.28
C ALA B 161 -12.10 8.04 -11.88
N LEU B 162 -11.93 9.22 -11.26
CA LEU B 162 -13.09 9.99 -10.83
C LEU B 162 -13.86 10.56 -12.02
N GLU B 163 -13.17 10.90 -13.10
CA GLU B 163 -13.85 11.48 -14.25
C GLU B 163 -14.81 10.50 -14.90
N LYS B 164 -14.58 9.19 -14.73
CA LYS B 164 -15.46 8.21 -15.33
C LYS B 164 -16.91 8.46 -14.94
N ASP B 165 -17.15 8.87 -13.69
CA ASP B 165 -18.51 9.08 -13.21
C ASP B 165 -18.79 10.50 -12.73
N GLY B 166 -17.81 11.40 -12.78
CA GLY B 166 -17.99 12.77 -12.36
C GLY B 166 -17.88 13.74 -13.52
N LYS B 167 -17.90 15.03 -13.17
CA LYS B 167 -17.68 16.08 -14.16
C LYS B 167 -16.51 16.95 -13.70
N VAL B 168 -15.77 17.46 -14.67
CA VAL B 168 -14.67 18.38 -14.40
C VAL B 168 -15.25 19.76 -14.16
N LEU B 169 -15.03 20.32 -12.98
CA LEU B 169 -15.48 21.67 -12.66
C LEU B 169 -14.43 22.72 -13.05
N THR B 170 -13.16 22.44 -12.81
CA THR B 170 -12.07 23.25 -13.32
C THR B 170 -10.83 22.36 -13.38
N ASP B 171 -9.75 22.91 -13.91
CA ASP B 171 -8.53 22.14 -14.05
C ASP B 171 -7.35 23.10 -13.98
N SER B 172 -6.15 22.53 -13.95
CA SER B 172 -4.99 23.36 -13.64
C SER B 172 -4.52 24.20 -14.81
N GLU B 173 -4.92 23.87 -16.05
CA GLU B 173 -4.70 24.80 -17.14
C GLU B 173 -5.50 26.07 -16.91
N GLN B 174 -6.78 25.92 -16.53
CA GLN B 174 -7.62 27.08 -16.30
C GLN B 174 -7.18 27.87 -15.06
N VAL B 175 -6.89 27.17 -13.95
CA VAL B 175 -6.40 27.86 -12.76
C VAL B 175 -5.08 28.56 -13.04
N GLY B 176 -4.24 27.97 -13.90
CA GLY B 176 -3.04 28.67 -14.32
C GLY B 176 -3.36 29.96 -15.04
N GLN B 177 -4.35 29.92 -15.95
CA GLN B 177 -4.73 31.14 -16.66
C GLN B 177 -5.30 32.18 -15.70
N TRP B 178 -5.95 31.75 -14.62
CA TRP B 178 -6.44 32.68 -13.61
C TRP B 178 -5.33 33.31 -12.78
N GLY B 179 -4.09 32.87 -12.96
CA GLY B 179 -2.97 33.46 -12.26
C GLY B 179 -2.30 32.58 -11.22
N ALA B 180 -2.63 31.30 -11.14
CA ALA B 180 -2.00 30.39 -10.19
C ALA B 180 -1.47 29.14 -10.88
N PRO B 181 -0.50 29.30 -11.79
CA PRO B 181 0.06 28.13 -12.47
C PRO B 181 0.81 27.21 -11.50
N THR B 182 0.85 25.92 -11.84
CA THR B 182 1.62 24.97 -11.06
C THR B 182 2.60 24.22 -11.97
N LEU B 183 3.67 23.73 -11.35
CA LEU B 183 4.74 23.06 -12.04
C LEU B 183 5.01 21.71 -11.38
N ASP B 184 5.60 20.82 -12.19
CA ASP B 184 6.17 19.56 -11.74
C ASP B 184 7.67 19.63 -11.98
N VAL B 185 8.46 19.43 -10.92
CA VAL B 185 9.91 19.58 -10.99
C VAL B 185 10.60 18.37 -10.38
N TRP B 186 11.89 18.25 -10.70
CA TRP B 186 12.81 17.27 -10.11
C TRP B 186 13.84 18.01 -9.30
N VAL B 187 14.12 17.51 -8.10
CA VAL B 187 15.03 18.17 -7.17
C VAL B 187 16.07 17.16 -6.71
N VAL B 188 17.21 17.69 -6.27
CA VAL B 188 18.34 16.87 -5.85
C VAL B 188 18.91 17.42 -4.56
N ARG B 189 19.26 16.51 -3.64
CA ARG B 189 19.94 16.89 -2.41
C ARG B 189 21.34 17.41 -2.69
N LYS B 190 21.73 18.45 -1.93
CA LYS B 190 23.04 19.06 -2.10
C LYS B 190 24.17 18.05 -1.97
N ASP B 191 24.14 17.22 -0.92
CA ASP B 191 25.28 16.33 -0.72
C ASP B 191 25.42 15.31 -1.85
N PHE B 192 24.29 14.86 -2.44
CA PHE B 192 24.39 13.98 -3.60
C PHE B 192 24.93 14.72 -4.82
N ALA B 193 24.47 15.96 -5.04
CA ALA B 193 24.97 16.76 -6.15
C ALA B 193 26.46 17.05 -6.00
N GLU B 194 26.92 17.26 -4.76
CA GLU B 194 28.34 17.50 -4.55
C GLU B 194 29.16 16.26 -4.89
N LYS B 195 28.66 15.09 -4.53
CA LYS B 195 29.43 13.86 -4.68
C LYS B 195 29.34 13.26 -6.07
N HIS B 196 28.17 13.37 -6.72
CA HIS B 196 27.92 12.68 -7.99
C HIS B 196 27.30 13.62 -9.02
N PRO B 197 27.96 14.75 -9.33
CA PRO B 197 27.34 15.68 -10.28
C PRO B 197 27.08 15.09 -11.66
N GLU B 198 27.95 14.22 -12.15
CA GLU B 198 27.73 13.59 -13.45
C GLU B 198 26.52 12.66 -13.44
N VAL B 199 26.18 12.10 -12.28
CA VAL B 199 24.98 11.27 -12.18
C VAL B 199 23.72 12.13 -12.28
N VAL B 200 23.73 13.31 -11.64
CA VAL B 200 22.58 14.20 -11.76
C VAL B 200 22.40 14.65 -13.21
N LYS B 201 23.50 14.96 -13.88
CA LYS B 201 23.42 15.34 -15.29
C LYS B 201 22.86 14.20 -16.13
N ALA B 202 23.29 12.97 -15.83
CA ALA B 202 22.76 11.80 -16.54
C ALA B 202 21.26 11.67 -16.32
N PHE B 203 20.79 11.96 -15.11
CA PHE B 203 19.35 11.89 -14.86
C PHE B 203 18.61 12.92 -15.70
N ALA B 204 19.10 14.16 -15.69
CA ALA B 204 18.44 15.20 -16.47
C ALA B 204 18.45 14.86 -17.96
N LYS B 205 19.57 14.39 -18.47
CA LYS B 205 19.65 14.02 -19.88
C LYS B 205 18.66 12.92 -20.24
N SER B 206 18.51 11.91 -19.39
CA SER B 206 17.57 10.83 -19.72
C SER B 206 16.14 11.35 -19.82
N ALA B 207 15.76 12.22 -18.89
CA ALA B 207 14.39 12.71 -18.84
C ALA B 207 14.11 13.66 -20.00
N ILE B 208 15.01 14.63 -20.22
CA ILE B 208 14.87 15.57 -21.33
C ILE B 208 14.83 14.82 -22.67
N ASP B 209 15.77 13.89 -22.86
CA ASP B 209 15.83 13.14 -24.11
C ASP B 209 14.53 12.41 -24.38
N ALA B 210 13.93 11.80 -23.35
CA ALA B 210 12.70 11.04 -23.54
C ALA B 210 11.52 11.92 -23.91
N GLN B 211 11.54 13.19 -23.54
CA GLN B 211 10.40 14.06 -23.82
C GLN B 211 10.42 14.66 -25.22
N GLN B 212 11.60 14.79 -25.82
CA GLN B 212 11.71 15.50 -27.10
C GLN B 212 11.03 14.78 -28.27
N PRO B 213 11.14 13.44 -28.39
CA PRO B 213 10.35 12.77 -29.44
C PRO B 213 8.86 12.99 -29.30
N TYR B 214 8.36 13.15 -28.08
CA TYR B 214 6.95 13.49 -27.94
C TYR B 214 6.70 14.93 -28.37
N ILE B 215 7.58 15.85 -27.97
CA ILE B 215 7.38 17.25 -28.35
C ILE B 215 7.44 17.39 -29.87
N ALA B 216 8.29 16.60 -30.52
CA ALA B 216 8.45 16.69 -31.97
C ALA B 216 7.19 16.27 -32.72
N ASN B 217 6.31 15.46 -32.10
CA ASN B 217 5.03 15.06 -32.67
C ASN B 217 4.25 14.24 -31.65
N PRO B 218 3.33 14.87 -30.90
CA PRO B 218 2.58 14.12 -29.90
C PRO B 218 1.80 12.93 -30.46
N ASP B 219 1.19 13.09 -31.63
CA ASP B 219 0.26 12.06 -32.10
C ASP B 219 0.99 10.80 -32.58
N VAL B 220 2.11 10.94 -33.29
CA VAL B 220 2.85 9.76 -33.70
C VAL B 220 3.46 9.07 -32.47
N TRP B 221 3.95 9.86 -31.52
CA TRP B 221 4.48 9.30 -30.28
C TRP B 221 3.43 8.50 -29.55
N LEU B 222 2.21 9.03 -29.45
CA LEU B 222 1.17 8.41 -28.64
C LEU B 222 0.57 7.19 -29.31
N LYS B 223 0.93 6.92 -30.55
CA LYS B 223 0.44 5.75 -31.26
C LYS B 223 1.37 4.54 -31.14
N GLN B 224 2.58 4.75 -30.62
CA GLN B 224 3.48 3.62 -30.39
C GLN B 224 3.03 2.87 -29.13
N PRO B 225 2.62 1.61 -29.26
CA PRO B 225 2.05 0.90 -28.10
C PRO B 225 3.02 0.77 -26.93
N GLU B 226 4.33 0.70 -27.18
CA GLU B 226 5.29 0.58 -26.09
C GLU B 226 5.32 1.83 -25.22
N ASN B 227 5.19 3.01 -25.83
CA ASN B 227 5.12 4.24 -25.03
C ASN B 227 3.88 4.21 -24.14
N ILE B 228 2.74 3.87 -24.71
CA ILE B 228 1.49 3.86 -23.95
C ILE B 228 1.58 2.85 -22.81
N SER B 229 2.16 1.68 -23.07
CA SER B 229 2.24 0.63 -22.06
C SER B 229 3.13 1.03 -20.89
N LYS B 230 4.28 1.62 -21.18
CA LYS B 230 5.20 2.02 -20.12
C LYS B 230 4.55 3.06 -19.22
N LEU B 231 3.94 4.08 -19.82
CA LEU B 231 3.24 5.11 -19.05
C LEU B 231 2.09 4.54 -18.26
N ALA B 232 1.28 3.67 -18.88
CA ALA B 232 0.13 3.13 -18.17
C ALA B 232 0.58 2.32 -16.96
N ARG B 233 1.67 1.56 -17.10
CA ARG B 233 2.14 0.72 -16.02
C ARG B 233 2.65 1.55 -14.84
N LEU B 234 3.43 2.59 -15.12
CA LEU B 234 4.07 3.32 -14.02
C LEU B 234 3.14 4.36 -13.39
N SER B 235 2.16 4.86 -14.13
CA SER B 235 1.17 5.75 -13.56
C SER B 235 -0.01 4.98 -12.96
N GLY B 236 -0.30 3.80 -13.48
CA GLY B 236 -1.41 3.00 -12.99
C GLY B 236 -2.75 3.34 -13.58
N VAL B 237 -2.76 3.86 -14.80
CA VAL B 237 -4.01 4.22 -15.47
C VAL B 237 -4.28 3.23 -16.59
N PRO B 238 -5.53 3.07 -17.02
CA PRO B 238 -5.80 2.26 -18.21
C PRO B 238 -5.08 2.83 -19.41
N GLU B 239 -4.67 1.94 -20.32
CA GLU B 239 -3.92 2.37 -21.49
C GLU B 239 -4.70 3.41 -22.30
N GLY B 240 -6.03 3.33 -22.28
CA GLY B 240 -6.84 4.25 -23.06
C GLY B 240 -6.92 5.65 -22.48
N ASP B 241 -6.54 5.82 -21.21
CA ASP B 241 -6.53 7.15 -20.61
C ASP B 241 -5.20 7.87 -20.78
N VAL B 242 -4.16 7.17 -21.26
CA VAL B 242 -2.83 7.78 -21.33
C VAL B 242 -2.80 8.99 -22.25
N PRO B 243 -3.27 8.93 -23.50
CA PRO B 243 -3.15 10.11 -24.37
C PRO B 243 -3.78 11.36 -23.77
N GLY B 244 -4.98 11.26 -23.22
CA GLY B 244 -5.63 12.43 -22.64
C GLY B 244 -4.80 13.03 -21.51
N LEU B 245 -4.12 12.20 -20.74
CA LEU B 245 -3.31 12.71 -19.64
C LEU B 245 -2.00 13.31 -20.14
N VAL B 246 -1.36 12.67 -21.11
CA VAL B 246 -0.08 13.17 -21.62
C VAL B 246 -0.27 14.53 -22.25
N LYS B 247 -1.37 14.72 -22.98
CA LYS B 247 -1.62 15.98 -23.63
C LYS B 247 -2.04 17.08 -22.64
N GLY B 248 -2.32 16.73 -21.39
CA GLY B 248 -2.72 17.70 -20.39
C GLY B 248 -1.61 18.43 -19.66
N ASN B 249 -0.40 18.42 -20.23
CA ASN B 249 0.73 19.18 -19.71
C ASN B 249 1.50 19.76 -20.89
N THR B 250 2.38 20.72 -20.60
CA THR B 250 3.39 21.16 -21.56
C THR B 250 4.75 20.68 -21.09
N TYR B 251 5.52 20.10 -22.00
CA TYR B 251 6.89 19.67 -21.76
C TYR B 251 7.85 20.60 -22.50
N LEU B 252 9.11 20.59 -22.07
CA LEU B 252 10.07 21.63 -22.44
C LEU B 252 11.15 21.10 -23.36
N THR B 253 11.60 21.96 -24.28
CA THR B 253 12.81 21.69 -25.03
C THR B 253 14.03 21.91 -24.12
N PRO B 254 15.20 21.37 -24.49
CA PRO B 254 16.40 21.64 -23.70
C PRO B 254 16.63 23.12 -23.46
N GLN B 255 16.38 23.95 -24.46
CA GLN B 255 16.59 25.39 -24.32
C GLN B 255 15.62 26.01 -23.33
N GLN B 256 14.39 25.50 -23.28
CA GLN B 256 13.39 26.03 -22.35
C GLN B 256 13.69 25.60 -20.93
N GLN B 257 14.25 24.41 -20.74
CA GLN B 257 14.71 24.00 -19.41
C GLN B 257 15.67 25.05 -18.84
N THR B 258 16.72 25.36 -19.59
CA THR B 258 17.68 26.37 -19.15
C THR B 258 16.99 27.71 -18.88
N ALA B 259 16.07 28.12 -19.74
CA ALA B 259 15.41 29.41 -19.58
C ALA B 259 14.55 29.46 -18.32
N GLU B 260 13.76 28.39 -18.07
CA GLU B 260 12.95 28.34 -16.85
C GLU B 260 13.82 28.32 -15.60
N LEU B 261 14.92 27.58 -15.63
CA LEU B 261 15.77 27.42 -14.46
C LEU B 261 16.56 28.69 -14.14
N THR B 262 16.58 29.67 -15.05
CA THR B 262 17.28 30.93 -14.84
C THR B 262 16.29 32.08 -14.63
N GLY B 263 15.47 32.02 -13.58
CA GLY B 263 14.61 33.13 -13.27
C GLY B 263 13.16 32.74 -13.01
N PRO B 264 12.48 32.24 -14.03
CA PRO B 264 11.05 31.94 -13.86
C PRO B 264 10.74 30.97 -12.73
N VAL B 265 11.55 29.93 -12.51
CA VAL B 265 11.26 29.02 -11.41
C VAL B 265 11.42 29.72 -10.07
N ASN B 266 12.47 30.54 -9.93
CA ASN B 266 12.60 31.34 -8.72
C ASN B 266 11.35 32.19 -8.50
N LYS B 267 10.86 32.84 -9.56
CA LYS B 267 9.69 33.68 -9.39
C LYS B 267 8.45 32.83 -9.09
N ALA B 268 8.37 31.63 -9.67
CA ALA B 268 7.25 30.76 -9.36
C ALA B 268 7.25 30.33 -7.90
N ILE B 269 8.44 30.06 -7.34
CA ILE B 269 8.49 29.68 -5.93
C ILE B 269 8.08 30.85 -5.03
N ILE B 270 8.56 32.07 -5.32
CA ILE B 270 8.14 33.21 -4.53
C ILE B 270 6.63 33.35 -4.55
N ASP B 271 6.03 33.29 -5.75
CA ASP B 271 4.60 33.48 -5.87
C ASP B 271 3.83 32.34 -5.18
N THR B 272 4.32 31.10 -5.34
CA THR B 272 3.67 29.96 -4.69
C THR B 272 3.77 30.07 -3.17
N ALA B 273 4.98 30.37 -2.65
CA ALA B 273 5.19 30.55 -1.22
C ALA B 273 4.33 31.67 -0.66
N GLN B 274 4.19 32.78 -1.41
CA GLN B 274 3.38 33.89 -0.93
C GLN B 274 1.92 33.48 -0.79
N PHE B 275 1.38 32.77 -1.79
CA PHE B 275 -0.01 32.34 -1.69
C PHE B 275 -0.19 31.39 -0.51
N LEU B 276 0.78 30.48 -0.31
CA LEU B 276 0.67 29.56 0.82
C LEU B 276 0.72 30.30 2.15
N LYS B 277 1.56 31.34 2.27
CA LYS B 277 1.58 32.10 3.51
C LYS B 277 0.21 32.69 3.81
N GLU B 278 -0.39 33.32 2.80
CA GLU B 278 -1.72 33.91 2.95
C GLU B 278 -2.74 32.86 3.38
N GLN B 279 -2.62 31.64 2.85
CA GLN B 279 -3.53 30.55 3.20
C GLN B 279 -3.13 29.84 4.49
N GLY B 280 -2.09 30.30 5.17
CA GLY B 280 -1.72 29.75 6.46
C GLY B 280 -0.87 28.50 6.41
N LYS B 281 -0.24 28.20 5.28
CA LYS B 281 0.49 26.94 5.13
C LYS B 281 1.98 27.06 5.40
N VAL B 282 2.57 28.24 5.21
CA VAL B 282 3.99 28.48 5.53
C VAL B 282 4.11 29.72 6.41
N PRO B 283 5.15 29.83 7.25
CA PRO B 283 5.28 31.00 8.14
C PRO B 283 5.95 32.21 7.50
N ALA B 284 6.75 32.04 6.45
CA ALA B 284 7.47 33.18 5.90
C ALA B 284 7.77 32.95 4.43
N VAL B 285 7.94 34.06 3.71
CA VAL B 285 8.36 34.09 2.32
C VAL B 285 9.71 34.78 2.25
N ALA B 286 10.65 34.17 1.53
CA ALA B 286 11.97 34.77 1.38
C ALA B 286 11.96 35.83 0.28
N ASN B 287 12.98 36.68 0.29
CA ASN B 287 13.11 37.64 -0.82
C ASN B 287 13.44 36.93 -2.12
N ASP B 288 14.06 35.76 -2.05
CA ASP B 288 14.63 35.10 -3.21
C ASP B 288 14.78 33.62 -2.87
N TYR B 289 14.52 32.75 -3.87
CA TYR B 289 14.73 31.31 -3.70
C TYR B 289 15.79 30.78 -4.66
N SER B 290 16.77 31.63 -5.02
CA SER B 290 17.81 31.19 -5.95
C SER B 290 18.65 30.04 -5.39
N GLN B 291 18.69 29.87 -4.06
CA GLN B 291 19.38 28.74 -3.48
C GLN B 291 18.71 27.41 -3.81
N TYR B 292 17.49 27.45 -4.35
CA TYR B 292 16.68 26.24 -4.56
C TYR B 292 16.50 25.89 -6.03
N VAL B 293 17.21 26.57 -6.93
CA VAL B 293 17.12 26.33 -8.36
C VAL B 293 18.52 26.38 -8.94
N THR B 294 18.76 25.56 -9.96
CA THR B 294 20.02 25.62 -10.68
C THR B 294 19.81 25.14 -12.09
N SER B 295 20.56 25.73 -13.02
CA SER B 295 20.62 25.26 -14.39
C SER B 295 21.86 24.43 -14.68
N ARG B 296 22.70 24.15 -13.68
CA ARG B 296 24.03 23.63 -13.99
C ARG B 296 24.01 22.16 -14.39
N PHE B 297 22.87 21.48 -14.31
CA PHE B 297 22.80 20.08 -14.68
C PHE B 297 22.08 19.85 -16.00
N VAL B 298 21.63 20.91 -16.66
CA VAL B 298 20.99 20.78 -17.97
C VAL B 298 21.77 21.48 -19.08
O1 MES C . -5.00 -18.01 6.29
C2 MES C . -3.75 -17.33 6.42
C3 MES C . -2.80 -18.03 7.39
N4 MES C . -3.50 -18.40 8.61
C5 MES C . -4.81 -19.01 8.49
C6 MES C . -5.63 -18.12 7.57
C7 MES C . -2.65 -18.90 9.70
C8 MES C . -2.30 -20.36 9.43
S MES C . -1.05 -20.74 10.49
O1S MES C . 0.07 -19.78 10.34
O2S MES C . -0.55 -22.09 10.17
O3S MES C . -1.55 -20.70 11.88
I IOD D . 5.87 -4.39 -12.04
I IOD E . -8.64 -46.81 -7.08
I IOD F . -10.15 4.43 2.67
I IOD G . 7.85 -25.19 14.91
I IOD H . -7.50 -40.52 25.05
I IOD I . -5.97 -37.28 25.83
I IOD J . 1.79 -30.48 8.81
I IOD K . -9.12 1.94 21.24
O1 MES L . 1.94 14.03 -11.13
C2 MES L . 3.23 13.96 -10.52
C3 MES L . 3.18 14.63 -9.15
N4 MES L . 2.63 15.98 -9.30
C5 MES L . 1.45 16.16 -10.12
C6 MES L . 1.63 15.39 -11.42
C7 MES L . 2.72 16.90 -8.15
C8 MES L . 2.06 16.27 -6.92
S MES L . 2.64 17.03 -5.54
O1S MES L . 2.32 18.49 -5.66
O2S MES L . 4.09 16.82 -5.41
O3S MES L . 1.94 16.51 -4.36
I IOD M . -11.67 30.99 5.57
I IOD N . -13.74 0.81 -2.71
I IOD O . -2.69 13.48 2.69
I IOD P . -13.69 10.68 3.97
I IOD Q . 4.27 20.01 -25.38
I IOD R . 27.40 1.55 -8.64
C1 GOL S . 23.67 27.03 -4.18
O1 GOL S . 22.66 27.74 -3.60
C2 GOL S . 23.32 25.58 -3.99
O2 GOL S . 24.34 24.74 -4.45
C3 GOL S . 23.03 25.49 -2.46
O3 GOL S . 22.95 24.15 -2.12
C1 GOL T . -1.49 32.31 -6.65
O1 GOL T . -0.19 32.85 -6.70
C2 GOL T . -2.46 33.52 -6.71
O2 GOL T . -2.42 34.16 -7.93
C3 GOL T . -3.86 32.92 -6.40
O3 GOL T . -4.72 34.02 -6.23
#